data_3KXZ
#
_entry.id   3KXZ
#
_cell.length_a   42.012
_cell.length_b   73.784
_cell.length_c   84.717
_cell.angle_alpha   90.0
_cell.angle_beta   90.0
_cell.angle_gamma   90.0
#
_symmetry.space_group_name_H-M   'P 21 21 21'
#
loop_
_entity.id
_entity.type
_entity.pdbx_description
1 polymer 'Proto-oncogene tyrosine-protein kinase LCK'
2 non-polymer 'SULFATE ION'
3 non-polymer 'CALCIUM ION'
4 non-polymer 3-[7-[(3-hydroxyphenyl)amino]pyrazolo[1,5-a]pyrimidin-2-yl]-N-(1-hydroxy-2,2,6,6-tetramethyl-piperidin-4-yl)benzamide
5 water water
#
_entity_poly.entity_id   1
_entity_poly.type   'polypeptide(L)'
_entity_poly.pdbx_seq_one_letter_code
;GSQTQKPQKPWWEDEWEVPRETLKLVERLGAGQFGEVWMGYYNGHTKVAVKSLKQGSMSPDAFLAEANLMKQLQHQRLVR
LYAVVTQEPIYIITEYMENGSLVDFLKTPSGIKLTINKLLDMAAQIAEGMAFIEERNYIHRDLRAANILVSDTLSCKIAD
FGLARLIEDNE(PTR)TAREGAKFPIKWTAPEAINYGTFTIKSDVWSFGILLTEIVTHGRIPYPGMTNPEVIQNLERGYR
MVRPDNCPEELYQLMRLCWKERPEDRPTFDYLRSVLEDFFTATEGQYQPQP
;
_entity_poly.pdbx_strand_id   A
#
loop_
_chem_comp.id
_chem_comp.type
_chem_comp.name
_chem_comp.formula
925 non-polymer 3-[7-[(3-hydroxyphenyl)amino]pyrazolo[1,5-a]pyrimidin-2-yl]-N-(1-hydroxy-2,2,6,6-tetramethyl-piperidin-4-yl)benzamide 'C28 H32 N6 O3'
CA non-polymer 'CALCIUM ION' 'Ca 2'
SO4 non-polymer 'SULFATE ION' 'O4 S -2'
#
# COMPACT_ATOMS: atom_id res chain seq x y z
N TRP A 16 12.00 11.36 -18.89
CA TRP A 16 11.19 10.25 -18.38
C TRP A 16 10.80 9.27 -19.49
N GLU A 17 10.52 9.79 -20.69
CA GLU A 17 10.17 8.94 -21.81
C GLU A 17 11.42 8.29 -22.40
N VAL A 18 11.33 6.99 -22.69
CA VAL A 18 12.43 6.28 -23.35
C VAL A 18 11.92 5.35 -24.45
N PRO A 19 12.78 5.02 -25.41
CA PRO A 19 12.41 4.06 -26.46
C PRO A 19 11.99 2.73 -25.86
N ARG A 20 10.98 2.10 -26.45
CA ARG A 20 10.53 0.80 -25.99
C ARG A 20 11.58 -0.29 -26.28
N GLU A 21 12.50 0.04 -27.18
CA GLU A 21 13.55 -0.90 -27.57
C GLU A 21 14.63 -1.05 -26.49
N THR A 22 14.60 -0.18 -25.50
CA THR A 22 15.58 -0.24 -24.42
C THR A 22 15.18 -1.27 -23.37
N LEU A 23 14.00 -1.86 -23.54
CA LEU A 23 13.49 -2.84 -22.58
C LEU A 23 13.35 -4.22 -23.20
N LYS A 24 13.56 -5.25 -22.38
CA LYS A 24 13.32 -6.62 -22.77
C LYS A 24 12.52 -7.29 -21.67
N LEU A 25 11.27 -7.64 -21.95
CA LEU A 25 10.42 -8.30 -20.97
C LEU A 25 10.80 -9.77 -20.81
N VAL A 26 10.91 -10.22 -19.57
CA VAL A 26 11.40 -11.57 -19.29
C VAL A 26 10.33 -12.44 -18.63
N GLU A 27 9.90 -12.04 -17.43
CA GLU A 27 8.91 -12.80 -16.67
C GLU A 27 7.66 -11.95 -16.40
N ARG A 28 6.50 -12.59 -16.41
CA ARG A 28 5.27 -11.89 -16.08
C ARG A 28 4.91 -12.18 -14.62
N LEU A 29 4.54 -11.14 -13.88
CA LEU A 29 4.38 -11.27 -12.45
C LEU A 29 2.92 -11.22 -12.00
N GLY A 30 2.12 -10.39 -12.66
CA GLY A 30 0.71 -10.24 -12.34
C GLY A 30 -0.07 -9.72 -13.54
N ALA A 31 -1.40 -9.77 -13.47
CA ALA A 31 -2.21 -9.39 -14.63
C ALA A 31 -3.31 -8.34 -14.37
N GLY A 32 -4.04 -8.47 -13.27
CA GLY A 32 -5.05 -7.49 -12.89
C GLY A 32 -5.98 -6.97 -13.98
N GLN A 33 -7.05 -6.26 -13.59
CA GLN A 33 -8.02 -5.78 -14.56
C GLN A 33 -7.46 -4.71 -15.52
N PHE A 34 -6.42 -4.00 -15.07
CA PHE A 34 -5.93 -2.84 -15.81
C PHE A 34 -4.59 -3.06 -16.51
N GLY A 35 -4.02 -4.24 -16.37
CA GLY A 35 -2.78 -4.55 -17.06
C GLY A 35 -1.82 -5.45 -16.30
N GLU A 36 -0.73 -5.83 -16.96
CA GLU A 36 0.21 -6.77 -16.38
C GLU A 36 1.43 -6.08 -15.77
N VAL A 37 2.11 -6.79 -14.89
CA VAL A 37 3.40 -6.36 -14.36
C VAL A 37 4.45 -7.37 -14.77
N TRP A 38 5.58 -6.87 -15.28
CA TRP A 38 6.64 -7.73 -15.80
C TRP A 38 7.98 -7.47 -15.12
N MET A 39 8.76 -8.53 -14.93
CA MET A 39 10.17 -8.39 -14.60
C MET A 39 10.93 -8.33 -15.92
N GLY A 40 11.77 -7.30 -16.09
CA GLY A 40 12.51 -7.12 -17.32
C GLY A 40 13.87 -6.45 -17.16
N TYR A 41 14.48 -6.05 -18.28
CA TYR A 41 15.78 -5.39 -18.26
C TYR A 41 15.76 -4.10 -19.06
N TYR A 42 16.34 -3.06 -18.47
CA TYR A 42 16.46 -1.78 -19.14
C TYR A 42 17.91 -1.52 -19.53
N ASN A 43 18.10 -1.03 -20.74
CA ASN A 43 19.43 -0.80 -21.28
C ASN A 43 20.41 -1.94 -20.99
N GLY A 44 19.89 -3.16 -20.98
CA GLY A 44 20.74 -4.33 -20.87
C GLY A 44 21.03 -4.85 -19.47
N HIS A 45 21.61 -4.00 -18.61
CA HIS A 45 22.12 -4.47 -17.33
C HIS A 45 21.27 -4.12 -16.11
N THR A 46 20.22 -3.34 -16.32
CA THR A 46 19.40 -2.85 -15.21
C THR A 46 18.08 -3.61 -15.08
N LYS A 47 17.89 -4.24 -13.93
CA LYS A 47 16.67 -4.99 -13.65
C LYS A 47 15.57 -4.01 -13.27
N VAL A 48 14.39 -4.16 -13.88
CA VAL A 48 13.28 -3.24 -13.65
C VAL A 48 11.95 -3.96 -13.64
N ALA A 49 10.92 -3.27 -13.19
CA ALA A 49 9.56 -3.76 -13.33
C ALA A 49 8.87 -2.93 -14.40
N VAL A 50 8.03 -3.57 -15.22
CA VAL A 50 7.31 -2.88 -16.28
C VAL A 50 5.81 -3.12 -16.15
N LYS A 51 5.05 -2.04 -15.93
CA LYS A 51 3.59 -2.16 -15.88
C LYS A 51 2.99 -1.78 -17.22
N SER A 52 2.18 -2.66 -17.78
CA SER A 52 1.59 -2.40 -19.09
C SER A 52 0.09 -2.22 -18.94
N LEU A 53 -0.49 -1.40 -19.80
CA LEU A 53 -1.92 -1.12 -19.73
C LEU A 53 -2.71 -1.90 -20.76
N LYS A 54 -3.86 -2.42 -20.33
CA LYS A 54 -4.81 -3.10 -21.19
C LYS A 54 -5.58 -2.06 -22.02
N GLN A 55 -5.32 -2.02 -23.33
CA GLN A 55 -5.97 -1.06 -24.24
C GLN A 55 -7.48 -1.04 -24.08
N GLY A 56 -7.98 -0.17 -23.22
CA GLY A 56 -9.41 -0.03 -22.99
C GLY A 56 -9.83 -0.07 -21.54
N SER A 57 -8.97 -0.58 -20.67
CA SER A 57 -9.28 -0.64 -19.24
C SER A 57 -9.42 0.74 -18.64
N MET A 58 -8.76 1.71 -19.27
CA MET A 58 -8.82 3.12 -18.88
C MET A 58 -7.96 3.89 -19.87
N SER A 59 -8.20 5.20 -20.00
CA SER A 59 -7.41 6.02 -20.91
C SER A 59 -5.93 5.93 -20.58
N PRO A 60 -5.07 6.14 -21.59
CA PRO A 60 -3.63 6.19 -21.37
C PRO A 60 -3.27 7.20 -20.29
N ASP A 61 -3.84 8.39 -20.37
CA ASP A 61 -3.56 9.45 -19.40
C ASP A 61 -3.87 9.04 -17.97
N ALA A 62 -5.00 8.36 -17.80
CA ALA A 62 -5.41 7.86 -16.50
C ALA A 62 -4.38 6.88 -15.94
N PHE A 63 -3.88 6.00 -16.80
CA PHE A 63 -2.83 5.06 -16.42
C PHE A 63 -1.56 5.83 -16.07
N LEU A 64 -1.24 6.81 -16.91
CA LEU A 64 0.00 7.57 -16.76
C LEU A 64 -0.02 8.51 -15.57
N ALA A 65 -1.21 8.87 -15.12
CA ALA A 65 -1.35 9.76 -13.98
C ALA A 65 -0.56 9.25 -12.78
N GLU A 66 -0.45 7.93 -12.66
CA GLU A 66 0.31 7.33 -11.58
C GLU A 66 1.79 7.74 -11.67
N ALA A 67 2.33 7.66 -12.87
CA ALA A 67 3.72 8.06 -13.11
C ALA A 67 3.92 9.55 -12.78
N ASN A 68 3.09 10.41 -13.37
CA ASN A 68 3.15 11.85 -13.09
C ASN A 68 3.26 12.12 -11.60
N LEU A 69 2.60 11.29 -10.82
CA LEU A 69 2.54 11.45 -9.37
C LEU A 69 3.81 10.94 -8.71
N MET A 70 4.33 9.82 -9.19
CA MET A 70 5.58 9.29 -8.68
C MET A 70 6.75 10.24 -8.92
N LYS A 71 6.65 11.07 -9.96
CA LYS A 71 7.68 12.09 -10.20
C LYS A 71 7.72 13.05 -9.02
N GLN A 72 6.55 13.27 -8.41
CA GLN A 72 6.40 14.24 -7.33
C GLN A 72 6.74 13.62 -5.98
N LEU A 73 6.49 12.32 -5.85
CA LEU A 73 6.66 11.61 -4.59
C LEU A 73 7.81 10.63 -4.65
N GLN A 74 9.01 11.15 -4.47
CA GLN A 74 10.22 10.34 -4.51
C GLN A 74 10.81 10.22 -3.12
N HIS A 75 11.08 8.99 -2.71
CA HIS A 75 11.61 8.70 -1.38
C HIS A 75 12.13 7.28 -1.42
N GLN A 76 13.16 6.99 -0.63
CA GLN A 76 13.67 5.62 -0.58
C GLN A 76 12.55 4.63 -0.24
N ARG A 77 11.69 4.98 0.70
CA ARG A 77 10.62 4.09 1.16
C ARG A 77 9.46 3.98 0.17
N LEU A 78 9.58 4.64 -0.98
CA LEU A 78 8.55 4.57 -2.01
C LEU A 78 9.11 4.08 -3.31
N VAL A 79 8.39 3.18 -3.98
CA VAL A 79 8.83 2.64 -5.25
C VAL A 79 9.22 3.78 -6.21
N ARG A 80 10.38 3.66 -6.83
CA ARG A 80 10.93 4.71 -7.66
C ARG A 80 10.57 4.55 -9.15
N LEU A 81 9.94 5.58 -9.70
CA LEU A 81 9.65 5.62 -11.13
C LEU A 81 10.93 5.78 -11.93
N TYR A 82 11.02 5.07 -13.04
CA TYR A 82 12.18 5.12 -13.90
C TYR A 82 11.88 5.87 -15.18
N ALA A 83 10.80 5.48 -15.85
CA ALA A 83 10.51 5.98 -17.19
C ALA A 83 9.15 5.50 -17.66
N VAL A 84 8.73 6.01 -18.81
CA VAL A 84 7.44 5.64 -19.38
C VAL A 84 7.58 5.47 -20.88
N VAL A 85 6.71 4.65 -21.46
CA VAL A 85 6.64 4.51 -22.91
C VAL A 85 5.26 4.94 -23.36
N THR A 86 5.15 6.19 -23.78
CA THR A 86 3.85 6.82 -23.99
C THR A 86 3.23 6.51 -25.34
N GLN A 87 3.61 5.39 -25.94
CA GLN A 87 2.88 4.88 -27.10
C GLN A 87 2.40 3.46 -26.80
N GLU A 88 1.12 3.21 -27.10
CA GLU A 88 0.50 1.94 -26.78
C GLU A 88 1.31 0.76 -27.32
N PRO A 89 1.47 -0.29 -26.50
CA PRO A 89 0.92 -0.35 -25.13
C PRO A 89 1.71 0.55 -24.19
N ILE A 90 1.00 1.36 -23.41
CA ILE A 90 1.67 2.27 -22.48
C ILE A 90 2.39 1.49 -21.40
N TYR A 91 3.58 1.97 -21.03
CA TYR A 91 4.35 1.31 -19.99
C TYR A 91 4.75 2.30 -18.89
N ILE A 92 4.71 1.83 -17.65
CA ILE A 92 5.38 2.51 -16.56
C ILE A 92 6.53 1.62 -16.10
N ILE A 93 7.73 2.18 -16.06
CA ILE A 93 8.93 1.42 -15.76
C ILE A 93 9.51 1.91 -14.44
N THR A 94 9.80 0.98 -13.53
CA THR A 94 10.19 1.37 -12.19
C THR A 94 11.28 0.48 -11.59
N GLU A 95 11.86 0.97 -10.50
CA GLU A 95 12.65 0.17 -9.59
C GLU A 95 12.09 -1.25 -9.49
N TYR A 96 12.95 -2.24 -9.31
CA TYR A 96 12.47 -3.62 -9.19
C TYR A 96 12.58 -4.19 -7.77
N MET A 97 11.48 -4.77 -7.29
CA MET A 97 11.45 -5.38 -5.97
C MET A 97 11.43 -6.91 -6.09
N GLU A 98 12.57 -7.52 -5.78
CA GLU A 98 12.78 -8.95 -6.00
C GLU A 98 11.72 -9.82 -5.34
N ASN A 99 11.31 -9.44 -4.12
CA ASN A 99 10.40 -10.27 -3.34
C ASN A 99 8.91 -9.98 -3.57
N GLY A 100 8.63 -9.06 -4.48
CA GLY A 100 7.26 -8.78 -4.89
C GLY A 100 6.39 -8.28 -3.76
N SER A 101 5.11 -8.67 -3.80
CA SER A 101 4.09 -8.17 -2.89
C SER A 101 4.19 -8.74 -1.47
N LEU A 102 3.99 -7.88 -0.48
CA LEU A 102 4.13 -8.25 0.92
C LEU A 102 3.14 -9.33 1.38
N VAL A 103 1.89 -9.25 0.89
CA VAL A 103 0.90 -10.28 1.21
C VAL A 103 1.41 -11.66 0.84
N ASP A 104 1.94 -11.76 -0.38
CA ASP A 104 2.41 -13.02 -0.91
C ASP A 104 3.70 -13.44 -0.21
N PHE A 105 4.65 -12.52 -0.11
CA PHE A 105 5.95 -12.86 0.47
C PHE A 105 5.80 -13.42 1.87
N LEU A 106 4.95 -12.79 2.67
CA LEU A 106 4.74 -13.23 4.04
C LEU A 106 4.35 -14.70 4.16
N LYS A 107 3.86 -15.28 3.08
CA LYS A 107 3.39 -16.68 3.10
C LYS A 107 4.45 -17.65 2.60
N THR A 108 5.44 -17.13 1.87
CA THR A 108 6.54 -17.94 1.36
C THR A 108 7.29 -18.54 2.54
N PRO A 109 8.04 -19.63 2.29
CA PRO A 109 8.85 -20.28 3.33
C PRO A 109 9.70 -19.27 4.09
N SER A 110 10.25 -18.29 3.38
CA SER A 110 11.04 -17.24 4.00
C SER A 110 10.18 -16.34 4.88
N GLY A 111 9.08 -15.85 4.33
CA GLY A 111 8.20 -14.95 5.05
C GLY A 111 7.65 -15.56 6.32
N ILE A 112 7.40 -16.86 6.29
CA ILE A 112 6.77 -17.56 7.40
C ILE A 112 7.68 -17.64 8.63
N LYS A 113 8.98 -17.75 8.37
CA LYS A 113 9.97 -17.89 9.44
C LYS A 113 10.34 -16.54 10.04
N LEU A 114 9.77 -15.47 9.49
CA LEU A 114 10.09 -14.14 9.96
C LEU A 114 9.64 -13.94 11.40
N THR A 115 10.55 -13.48 12.24
CA THR A 115 10.23 -13.25 13.64
C THR A 115 9.38 -11.99 13.81
N ILE A 116 8.70 -11.90 14.95
CA ILE A 116 7.88 -10.74 15.24
C ILE A 116 8.73 -9.48 15.13
N ASN A 117 9.98 -9.59 15.57
CA ASN A 117 10.90 -8.47 15.50
C ASN A 117 11.06 -7.92 14.09
N LYS A 118 11.25 -8.83 13.13
CA LYS A 118 11.42 -8.45 11.73
C LYS A 118 10.13 -7.90 11.15
N LEU A 119 9.01 -8.52 11.51
CA LEU A 119 7.70 -8.03 11.08
C LEU A 119 7.46 -6.60 11.55
N LEU A 120 7.79 -6.31 12.80
CA LEU A 120 7.68 -4.96 13.36
C LEU A 120 8.57 -3.97 12.61
N ASP A 121 9.76 -4.42 12.25
CA ASP A 121 10.69 -3.63 11.46
C ASP A 121 10.01 -3.24 10.16
N MET A 122 9.48 -4.24 9.45
CA MET A 122 8.78 -4.00 8.21
C MET A 122 7.60 -3.04 8.39
N ALA A 123 6.94 -3.13 9.53
CA ALA A 123 5.80 -2.25 9.81
C ALA A 123 6.27 -0.81 9.96
N ALA A 124 7.37 -0.63 10.69
CA ALA A 124 7.94 0.70 10.88
C ALA A 124 8.41 1.30 9.56
N GLN A 125 8.91 0.47 8.65
CA GLN A 125 9.35 0.95 7.34
C GLN A 125 8.18 1.52 6.55
N ILE A 126 7.05 0.83 6.62
CA ILE A 126 5.84 1.27 5.92
C ILE A 126 5.30 2.59 6.49
N ALA A 127 5.29 2.70 7.82
CA ALA A 127 4.85 3.94 8.47
C ALA A 127 5.79 5.06 8.08
N GLU A 128 7.07 4.75 7.97
CA GLU A 128 8.07 5.73 7.57
C GLU A 128 7.78 6.31 6.19
N GLY A 129 7.44 5.45 5.23
CA GLY A 129 7.08 5.91 3.91
C GLY A 129 5.81 6.74 3.90
N MET A 130 4.82 6.33 4.69
CA MET A 130 3.55 7.05 4.76
C MET A 130 3.71 8.40 5.43
N ALA A 131 4.65 8.51 6.36
CA ALA A 131 4.91 9.77 7.05
C ALA A 131 5.37 10.81 6.03
N PHE A 132 6.23 10.38 5.10
CA PHE A 132 6.68 11.23 4.01
C PHE A 132 5.48 11.65 3.15
N ILE A 133 4.67 10.67 2.75
CA ILE A 133 3.48 10.94 1.96
C ILE A 133 2.56 11.91 2.69
N GLU A 134 2.47 11.73 4.01
CA GLU A 134 1.67 12.61 4.86
C GLU A 134 2.25 14.01 4.81
N GLU A 135 3.56 14.11 5.03
CA GLU A 135 4.27 15.39 5.00
C GLU A 135 4.05 16.13 3.68
N ARG A 136 3.93 15.40 2.58
CA ARG A 136 3.80 16.01 1.26
C ARG A 136 2.36 16.34 0.90
N ASN A 137 1.45 16.16 1.86
CA ASN A 137 0.03 16.45 1.66
C ASN A 137 -0.64 15.55 0.64
N TYR A 138 -0.20 14.31 0.58
CA TYR A 138 -0.86 13.34 -0.27
C TYR A 138 -1.62 12.32 0.55
N ILE A 139 -2.57 11.66 -0.08
CA ILE A 139 -3.21 10.50 0.50
C ILE A 139 -3.08 9.35 -0.48
N HIS A 140 -2.99 8.12 0.04
CA HIS A 140 -2.83 6.95 -0.79
C HIS A 140 -4.20 6.35 -1.17
N ARG A 141 -5.03 6.12 -0.16
CA ARG A 141 -6.39 5.63 -0.34
C ARG A 141 -6.50 4.15 -0.70
N ASP A 142 -5.36 3.48 -0.79
CA ASP A 142 -5.36 2.05 -1.08
C ASP A 142 -4.27 1.36 -0.29
N LEU A 143 -4.03 1.81 0.94
CA LEU A 143 -2.99 1.25 1.76
C LEU A 143 -3.35 -0.16 2.24
N ARG A 144 -2.66 -1.16 1.70
CA ARG A 144 -2.87 -2.55 2.11
C ARG A 144 -1.62 -3.37 1.82
N ALA A 145 -1.54 -4.56 2.41
CA ALA A 145 -0.33 -5.37 2.29
C ALA A 145 0.01 -5.73 0.84
N ALA A 146 -1.02 -5.92 0.03
CA ALA A 146 -0.82 -6.26 -1.38
C ALA A 146 -0.01 -5.18 -2.10
N ASN A 147 -0.20 -3.93 -1.68
CA ASN A 147 0.46 -2.80 -2.34
C ASN A 147 1.80 -2.39 -1.71
N ILE A 148 2.31 -3.24 -0.82
CA ILE A 148 3.66 -3.06 -0.30
C ILE A 148 4.57 -4.03 -1.02
N LEU A 149 5.72 -3.56 -1.47
CA LEU A 149 6.66 -4.42 -2.16
C LEU A 149 7.92 -4.64 -1.34
N VAL A 150 8.48 -5.85 -1.44
CA VAL A 150 9.64 -6.26 -0.65
C VAL A 150 10.87 -6.45 -1.53
N SER A 151 11.96 -5.82 -1.14
CA SER A 151 13.22 -5.91 -1.88
C SER A 151 13.97 -7.18 -1.49
N ASP A 152 15.07 -7.45 -2.20
CA ASP A 152 15.86 -8.65 -1.92
C ASP A 152 16.57 -8.58 -0.58
N THR A 153 16.60 -7.41 0.04
CA THR A 153 17.18 -7.27 1.37
C THR A 153 16.09 -7.19 2.45
N LEU A 154 14.87 -7.54 2.07
CA LEU A 154 13.72 -7.49 2.98
C LEU A 154 13.46 -6.08 3.49
N SER A 155 13.66 -5.08 2.63
CA SER A 155 13.20 -3.74 2.92
C SER A 155 11.89 -3.56 2.18
N CYS A 156 11.03 -2.66 2.67
CA CYS A 156 9.70 -2.48 2.10
C CYS A 156 9.53 -1.10 1.49
N LYS A 157 8.79 -1.05 0.39
CA LYS A 157 8.49 0.23 -0.24
C LYS A 157 7.03 0.27 -0.67
N ILE A 158 6.40 1.42 -0.46
CA ILE A 158 5.02 1.63 -0.86
C ILE A 158 4.92 1.72 -2.38
N ALA A 159 3.84 1.19 -2.92
CA ALA A 159 3.63 1.23 -4.36
C ALA A 159 2.17 1.47 -4.68
N ASP A 160 1.87 1.51 -5.98
CA ASP A 160 0.49 1.60 -6.48
C ASP A 160 -0.26 2.87 -6.07
N PHE A 161 0.12 3.99 -6.67
CA PHE A 161 -0.44 5.29 -6.33
C PHE A 161 -1.56 5.68 -7.28
N GLY A 162 -2.26 4.70 -7.83
CA GLY A 162 -3.36 4.98 -8.74
C GLY A 162 -4.45 5.81 -8.09
N LEU A 163 -4.75 5.53 -6.83
CA LEU A 163 -5.83 6.23 -6.12
C LEU A 163 -5.31 7.40 -5.30
N ALA A 164 -4.00 7.60 -5.32
CA ALA A 164 -3.37 8.64 -4.52
C ALA A 164 -3.90 10.02 -4.92
N ARG A 165 -4.00 10.93 -3.96
CA ARG A 165 -4.51 12.27 -4.25
C ARG A 165 -3.85 13.33 -3.38
N LEU A 166 -3.57 14.47 -3.99
CA LEU A 166 -3.11 15.64 -3.24
C LEU A 166 -4.28 16.26 -2.52
N ILE A 167 -4.17 16.42 -1.20
CA ILE A 167 -5.22 17.08 -0.43
C ILE A 167 -4.84 18.49 0.01
N GLU A 168 -5.41 19.48 -0.67
CA GLU A 168 -5.18 20.88 -0.35
C GLU A 168 -6.03 21.32 0.83
N ASP A 169 -7.27 20.88 0.86
CA ASP A 169 -8.23 21.30 1.88
C ASP A 169 -8.49 20.23 2.92
N ASN A 170 -7.44 19.55 3.35
CA ASN A 170 -7.53 18.57 4.43
C ASN A 170 -8.20 17.25 4.04
N GLU A 171 -9.22 17.29 3.19
CA GLU A 171 -9.96 16.08 2.83
C GLU A 171 -10.28 15.94 1.35
N PTR A 172 -10.27 14.69 0.88
CA PTR A 172 -10.72 14.34 -0.47
C PTR A 172 -12.11 13.73 -0.38
O PTR A 172 -12.38 12.91 0.50
CB PTR A 172 -9.82 13.30 -1.12
CG PTR A 172 -10.15 13.03 -2.58
CD1 PTR A 172 -10.10 14.04 -3.51
CD2 PTR A 172 -10.51 11.75 -3.02
CE1 PTR A 172 -10.39 13.81 -4.85
CE2 PTR A 172 -10.80 11.51 -4.36
CZ PTR A 172 -10.76 12.54 -5.27
OH PTR A 172 -11.00 12.40 -6.48
P PTR A 172 -11.82 11.22 -7.21
O1P PTR A 172 -10.90 10.52 -8.13
O2P PTR A 172 -12.96 11.83 -8.06
O3P PTR A 172 -12.42 10.19 -6.22
N THR A 173 -13.00 14.13 -1.29
CA THR A 173 -14.34 13.54 -1.33
C THR A 173 -14.48 12.69 -2.59
N ALA A 174 -14.52 11.38 -2.38
CA ALA A 174 -14.54 10.42 -3.48
C ALA A 174 -15.72 10.66 -4.42
N ARG A 175 -15.50 10.37 -5.70
CA ARG A 175 -16.58 10.42 -6.67
C ARG A 175 -17.64 9.40 -6.29
N GLU A 176 -18.85 9.86 -5.99
CA GLU A 176 -19.92 8.94 -5.64
C GLU A 176 -20.06 7.88 -6.74
N GLY A 177 -20.21 6.63 -6.33
CA GLY A 177 -20.20 5.51 -7.25
C GLY A 177 -18.86 4.83 -7.23
N ALA A 178 -17.95 5.38 -6.43
CA ALA A 178 -16.62 4.79 -6.25
C ALA A 178 -16.68 3.67 -5.24
N LYS A 179 -16.12 2.52 -5.60
CA LYS A 179 -16.13 1.37 -4.72
C LYS A 179 -14.73 1.06 -4.20
N PHE A 180 -14.65 0.78 -2.90
CA PHE A 180 -13.37 0.55 -2.24
C PHE A 180 -13.39 -0.73 -1.44
N PRO A 181 -12.21 -1.31 -1.18
CA PRO A 181 -12.09 -2.50 -0.31
C PRO A 181 -12.62 -2.18 1.07
N ILE A 182 -13.85 -2.63 1.35
CA ILE A 182 -14.51 -2.28 2.60
C ILE A 182 -13.64 -2.55 3.83
N LYS A 183 -13.01 -3.72 3.86
CA LYS A 183 -12.32 -4.16 5.07
C LYS A 183 -11.09 -3.32 5.42
N TRP A 184 -10.54 -2.61 4.44
CA TRP A 184 -9.39 -1.76 4.68
C TRP A 184 -9.77 -0.29 4.85
N THR A 185 -10.97 0.07 4.41
CA THR A 185 -11.37 1.47 4.34
C THR A 185 -12.01 2.01 5.63
N ALA A 186 -11.58 3.20 6.04
CA ALA A 186 -12.13 3.86 7.22
C ALA A 186 -13.60 4.17 7.02
N PRO A 187 -14.40 4.02 8.08
CA PRO A 187 -15.85 4.18 8.06
C PRO A 187 -16.29 5.49 7.41
N GLU A 188 -15.74 6.61 7.86
CA GLU A 188 -16.14 7.90 7.30
C GLU A 188 -15.97 7.91 5.78
N ALA A 189 -14.98 7.19 5.28
CA ALA A 189 -14.77 7.13 3.84
C ALA A 189 -15.81 6.25 3.18
N ILE A 190 -16.11 5.13 3.81
CA ILE A 190 -17.13 4.21 3.30
C ILE A 190 -18.51 4.87 3.28
N ASN A 191 -18.92 5.40 4.42
CA ASN A 191 -20.26 5.95 4.60
C ASN A 191 -20.50 7.29 3.91
N TYR A 192 -19.48 8.15 3.89
CA TYR A 192 -19.64 9.50 3.34
C TYR A 192 -18.77 9.75 2.09
N GLY A 193 -17.72 8.95 1.91
CA GLY A 193 -16.83 9.13 0.79
C GLY A 193 -15.76 10.18 1.05
N THR A 194 -15.54 10.50 2.32
CA THR A 194 -14.55 11.49 2.70
C THR A 194 -13.25 10.82 3.12
N PHE A 195 -12.15 11.22 2.48
CA PHE A 195 -10.85 10.65 2.77
C PHE A 195 -9.90 11.70 3.31
N THR A 196 -9.05 11.29 4.24
CA THR A 196 -7.94 12.11 4.69
C THR A 196 -6.77 11.19 4.97
N ILE A 197 -5.67 11.76 5.48
CA ILE A 197 -4.54 10.93 5.88
C ILE A 197 -4.92 10.10 7.11
N LYS A 198 -5.85 10.62 7.91
CA LYS A 198 -6.38 9.87 9.05
C LYS A 198 -7.10 8.64 8.54
N SER A 199 -7.66 8.75 7.35
CA SER A 199 -8.35 7.64 6.70
C SER A 199 -7.35 6.56 6.26
N ASP A 200 -6.16 6.97 5.82
CA ASP A 200 -5.09 6.03 5.50
C ASP A 200 -4.56 5.37 6.77
N VAL A 201 -4.53 6.13 7.86
CA VAL A 201 -4.05 5.62 9.13
C VAL A 201 -4.91 4.44 9.58
N TRP A 202 -6.20 4.50 9.27
CA TRP A 202 -7.11 3.39 9.55
C TRP A 202 -6.68 2.17 8.72
N SER A 203 -6.47 2.39 7.41
CA SER A 203 -6.01 1.32 6.53
C SER A 203 -4.71 0.67 7.04
N PHE A 204 -3.82 1.49 7.60
CA PHE A 204 -2.57 0.99 8.16
C PHE A 204 -2.83 0.03 9.32
N GLY A 205 -3.78 0.36 10.18
CA GLY A 205 -4.17 -0.52 11.28
C GLY A 205 -4.53 -1.90 10.75
N ILE A 206 -5.33 -1.93 9.68
CA ILE A 206 -5.74 -3.17 9.03
C ILE A 206 -4.54 -3.86 8.42
N LEU A 207 -3.64 -3.05 7.87
CA LEU A 207 -2.40 -3.57 7.33
C LEU A 207 -1.65 -4.32 8.42
N LEU A 208 -1.52 -3.70 9.60
CA LEU A 208 -0.81 -4.30 10.72
C LEU A 208 -1.31 -5.71 11.05
N THR A 209 -2.62 -5.91 11.05
CA THR A 209 -3.18 -7.24 11.32
C THR A 209 -2.67 -8.19 10.25
N GLU A 210 -2.57 -7.67 9.04
CA GLU A 210 -2.20 -8.44 7.86
C GLU A 210 -0.75 -8.89 7.97
N ILE A 211 0.01 -8.18 8.80
CA ILE A 211 1.42 -8.51 9.01
C ILE A 211 1.61 -9.63 10.05
N VAL A 212 0.94 -9.54 11.19
CA VAL A 212 0.99 -10.60 12.20
C VAL A 212 0.41 -11.93 11.73
N THR A 213 -0.64 -11.89 10.91
CA THR A 213 -1.27 -13.11 10.42
C THR A 213 -0.62 -13.63 9.14
N HIS A 214 0.54 -13.08 8.80
CA HIS A 214 1.25 -13.48 7.59
C HIS A 214 0.34 -13.50 6.37
N GLY A 215 -0.34 -12.39 6.12
CA GLY A 215 -1.09 -12.19 4.91
C GLY A 215 -2.50 -12.74 4.92
N ARG A 216 -3.04 -12.95 6.11
CA ARG A 216 -4.43 -13.40 6.24
C ARG A 216 -5.39 -12.23 6.06
N ILE A 217 -6.54 -12.50 5.46
CA ILE A 217 -7.57 -11.48 5.25
C ILE A 217 -8.08 -10.94 6.59
N PRO A 218 -8.24 -9.61 6.66
CA PRO A 218 -8.85 -8.95 7.82
C PRO A 218 -10.28 -9.46 8.04
N TYR A 219 -10.73 -9.48 9.30
CA TYR A 219 -12.05 -9.98 9.63
C TYR A 219 -12.32 -11.33 9.02
N PRO A 220 -11.45 -12.31 9.32
CA PRO A 220 -11.59 -13.65 8.73
C PRO A 220 -13.00 -14.20 8.93
N GLY A 221 -13.61 -14.65 7.84
CA GLY A 221 -14.90 -15.30 7.90
C GLY A 221 -16.12 -14.38 7.87
N MET A 222 -15.89 -13.07 7.86
CA MET A 222 -16.99 -12.12 7.90
C MET A 222 -17.27 -11.49 6.54
N THR A 223 -18.53 -11.13 6.31
CA THR A 223 -18.92 -10.43 5.10
C THR A 223 -18.63 -8.94 5.26
N ASN A 224 -18.64 -8.22 4.16
CA ASN A 224 -18.39 -6.77 4.22
C ASN A 224 -19.49 -6.00 4.96
N PRO A 225 -20.76 -6.31 4.71
CA PRO A 225 -21.85 -5.67 5.46
C PRO A 225 -21.80 -6.01 6.95
N GLU A 226 -21.47 -7.25 7.26
CA GLU A 226 -21.28 -7.66 8.65
C GLU A 226 -20.26 -6.74 9.31
N VAL A 227 -19.12 -6.55 8.66
CA VAL A 227 -18.05 -5.70 9.17
C VAL A 227 -18.54 -4.28 9.41
N ILE A 228 -19.27 -3.73 8.43
CA ILE A 228 -19.78 -2.37 8.54
C ILE A 228 -20.70 -2.22 9.75
N GLN A 229 -21.61 -3.18 9.92
CA GLN A 229 -22.52 -3.14 11.05
C GLN A 229 -21.74 -3.14 12.36
N ASN A 230 -20.82 -4.09 12.50
CA ASN A 230 -20.01 -4.18 13.70
C ASN A 230 -19.31 -2.89 14.03
N LEU A 231 -18.71 -2.27 13.02
CA LEU A 231 -18.02 -1.01 13.23
C LEU A 231 -19.01 0.07 13.66
N GLU A 232 -20.26 -0.05 13.22
CA GLU A 232 -21.28 0.91 13.64
C GLU A 232 -21.67 0.67 15.10
N ARG A 233 -21.53 -0.57 15.55
CA ARG A 233 -21.82 -0.90 16.94
C ARG A 233 -20.66 -0.48 17.82
N GLY A 234 -19.54 -0.10 17.22
CA GLY A 234 -18.37 0.30 17.98
C GLY A 234 -17.38 -0.83 18.15
N TYR A 235 -17.65 -1.96 17.49
CA TYR A 235 -16.73 -3.08 17.48
C TYR A 235 -15.56 -2.82 16.53
N ARG A 236 -14.41 -3.39 16.85
CA ARG A 236 -13.27 -3.41 15.95
C ARG A 236 -12.87 -4.86 15.71
N MET A 237 -11.85 -5.11 14.89
CA MET A 237 -11.49 -6.49 14.57
C MET A 237 -11.00 -7.25 15.80
N VAL A 238 -11.45 -8.50 15.92
CA VAL A 238 -11.03 -9.35 17.02
C VAL A 238 -9.52 -9.50 17.02
N ARG A 239 -8.94 -9.57 18.23
CA ARG A 239 -7.51 -9.82 18.37
C ARG A 239 -7.09 -10.99 17.48
N PRO A 240 -6.23 -10.70 16.49
CA PRO A 240 -5.68 -11.79 15.67
C PRO A 240 -4.93 -12.79 16.54
N ASP A 241 -4.90 -14.05 16.13
CA ASP A 241 -4.18 -15.06 16.89
C ASP A 241 -2.71 -14.67 17.01
N ASN A 242 -2.13 -14.92 18.17
CA ASN A 242 -0.71 -14.67 18.42
C ASN A 242 -0.28 -13.23 18.18
N CYS A 243 -1.21 -12.29 18.33
CA CYS A 243 -0.90 -10.88 18.17
C CYS A 243 -0.49 -10.25 19.49
N PRO A 244 0.72 -9.69 19.54
CA PRO A 244 1.19 -9.00 20.76
C PRO A 244 0.20 -7.93 21.18
N GLU A 245 -0.17 -7.93 22.45
CA GLU A 245 -1.19 -6.98 22.93
C GLU A 245 -0.83 -5.52 22.66
N GLU A 246 0.42 -5.15 22.90
CA GLU A 246 0.85 -3.78 22.67
C GLU A 246 0.67 -3.38 21.21
N LEU A 247 0.82 -4.36 20.33
CA LEU A 247 0.61 -4.12 18.91
C LEU A 247 -0.87 -3.99 18.60
N TYR A 248 -1.69 -4.77 19.29
CA TYR A 248 -3.14 -4.70 19.08
C TYR A 248 -3.68 -3.33 19.47
N GLN A 249 -3.21 -2.79 20.59
CA GLN A 249 -3.65 -1.48 21.06
C GLN A 249 -3.24 -0.35 20.13
N LEU A 250 -2.06 -0.49 19.54
CA LEU A 250 -1.58 0.47 18.54
C LEU A 250 -2.46 0.36 17.31
N MET A 251 -2.86 -0.86 17.00
CA MET A 251 -3.82 -1.15 15.94
C MET A 251 -5.12 -0.44 16.29
N ARG A 252 -5.40 -0.34 17.58
CA ARG A 252 -6.62 0.28 18.10
C ARG A 252 -6.67 1.78 17.90
N LEU A 253 -5.53 2.45 18.12
CA LEU A 253 -5.44 3.89 17.89
C LEU A 253 -5.85 4.22 16.47
N CYS A 254 -5.35 3.43 15.53
CA CYS A 254 -5.64 3.66 14.12
C CYS A 254 -7.13 3.57 13.85
N TRP A 255 -7.86 3.01 14.80
CA TRP A 255 -9.26 2.70 14.57
C TRP A 255 -10.22 3.54 15.43
N LYS A 256 -9.73 4.67 15.94
CA LYS A 256 -10.57 5.61 16.68
C LYS A 256 -11.80 6.00 15.87
N GLU A 257 -12.92 6.20 16.55
CA GLU A 257 -14.15 6.66 15.90
C GLU A 257 -13.93 7.99 15.19
N ARG A 258 -13.34 8.96 15.90
CA ARG A 258 -13.04 10.26 15.32
C ARG A 258 -11.71 10.24 14.59
N PRO A 259 -11.73 10.50 13.26
CA PRO A 259 -10.53 10.54 12.42
C PRO A 259 -9.45 11.40 13.05
N GLU A 260 -9.84 12.54 13.63
CA GLU A 260 -8.87 13.49 14.18
C GLU A 260 -8.14 12.93 15.41
N ASP A 261 -8.65 11.84 15.97
CA ASP A 261 -8.07 11.25 17.17
C ASP A 261 -7.09 10.15 16.82
N ARG A 262 -7.01 9.83 15.52
CA ARG A 262 -6.06 8.85 15.06
C ARG A 262 -4.70 9.52 14.93
N PRO A 263 -3.63 8.79 15.25
CA PRO A 263 -2.28 9.36 15.30
C PRO A 263 -1.65 9.58 13.92
N THR A 264 -0.55 10.33 13.89
CA THR A 264 0.19 10.57 12.65
C THR A 264 1.03 9.36 12.32
N PHE A 265 1.47 9.27 11.06
CA PHE A 265 2.33 8.17 10.66
C PHE A 265 3.71 8.25 11.31
N ASP A 266 4.13 9.44 11.70
CA ASP A 266 5.42 9.60 12.33
C ASP A 266 5.36 9.09 13.76
N TYR A 267 4.21 9.22 14.39
CA TYR A 267 4.01 8.68 15.72
C TYR A 267 4.04 7.16 15.64
N LEU A 268 3.38 6.63 14.62
CA LEU A 268 3.33 5.19 14.38
C LEU A 268 4.72 4.63 14.17
N ARG A 269 5.51 5.28 13.33
CA ARG A 269 6.87 4.84 13.07
C ARG A 269 7.66 4.80 14.37
N SER A 270 7.63 5.90 15.11
CA SER A 270 8.40 6.04 16.34
C SER A 270 8.11 4.91 17.32
N VAL A 271 6.82 4.67 17.57
CA VAL A 271 6.41 3.59 18.45
C VAL A 271 6.85 2.23 17.91
N LEU A 272 6.57 1.99 16.63
CA LEU A 272 6.93 0.71 16.00
C LEU A 272 8.42 0.44 16.07
N GLU A 273 9.22 1.48 15.83
CA GLU A 273 10.67 1.37 15.96
C GLU A 273 11.04 1.01 17.39
N ASP A 274 10.28 1.55 18.34
CA ASP A 274 10.46 1.17 19.75
C ASP A 274 10.10 -0.27 19.97
N PHE A 275 8.96 -0.69 19.41
CA PHE A 275 8.49 -2.06 19.61
C PHE A 275 9.55 -3.09 19.19
N PHE A 276 10.11 -2.94 17.99
CA PHE A 276 11.03 -3.97 17.51
C PHE A 276 12.46 -3.78 18.04
N THR A 277 12.75 -2.61 18.59
CA THR A 277 14.01 -2.43 19.30
C THR A 277 13.92 -3.13 20.66
N ALA A 278 12.69 -3.37 21.12
CA ALA A 278 12.46 -4.01 22.41
C ALA A 278 12.36 -5.52 22.29
N THR A 279 12.85 -6.06 21.17
CA THR A 279 12.87 -7.50 20.95
C THR A 279 14.16 -7.93 20.26
S SO4 B . -14.26 -4.57 20.94
O1 SO4 B . -15.04 -5.70 20.45
O2 SO4 B . -13.01 -5.06 21.49
O3 SO4 B . -14.01 -3.65 19.82
O4 SO4 B . -15.02 -3.88 21.98
CA CA C . 11.32 -18.76 0.05
C1 925 D . 10.33 -14.53 -9.82
N1 925 D . 10.17 -14.26 -7.37
O1 925 D . 11.12 -15.30 -7.16
C2 925 D . 9.39 -14.47 -8.59
N2 925 D . 6.99 -11.68 -7.57
O2 925 D . 5.25 -12.76 -8.45
C3 925 D . 8.49 -13.23 -8.67
N3 925 D . 8.69 -4.66 -8.27
O3 925 D . 2.13 0.45 -8.62
C4 925 D . 7.69 -12.93 -7.41
N4 925 D . 6.43 -4.84 -8.87
C5 925 D . 8.61 -12.89 -6.20
N5 925 D . 5.47 -5.71 -8.96
C6 925 D . 9.45 -14.16 -6.13
N6 925 D . 5.10 -3.15 -9.66
C7 925 D . 8.53 -15.36 -5.85
C8 925 D . 10.45 -14.11 -4.96
C9 925 D . 5.74 -11.70 -8.09
C10 925 D . 5.06 -10.42 -8.29
C11 925 D . 3.70 -10.38 -8.55
C12 925 D . 3.05 -9.19 -8.78
C13 925 D . 3.79 -8.03 -8.78
C14 925 D . 5.16 -8.05 -8.53
C15 925 D . 5.79 -9.25 -8.30
C16 925 D . 5.97 -6.84 -8.55
C17 925 D . 7.31 -6.68 -8.21
C18 925 D . 7.59 -5.39 -8.41
C19 925 D . 8.58 -3.44 -8.58
C20 925 D . 7.40 -2.75 -9.08
C21 925 D . 6.32 -3.51 -9.22
C22 925 D . 4.65 -1.88 -9.85
C23 925 D . 5.25 -1.04 -10.76
C24 925 D . 4.80 0.26 -10.92
C25 925 D . 3.74 0.75 -10.19
C26 925 D . 3.15 -0.08 -9.29
C27 925 D . 3.59 -1.38 -9.11
C28 925 D . 8.47 -15.69 -8.72
#